data_4FLB
#
_entry.id   4FLB
#
_cell.length_a   40.339
_cell.length_b   40.339
_cell.length_c   145.750
_cell.angle_alpha   90.000
_cell.angle_beta   90.000
_cell.angle_gamma   90.000
#
_symmetry.space_group_name_H-M   'P 43 21 2'
#
loop_
_entity.id
_entity.type
_entity.pdbx_description
1 polymer 'Regulation of nuclear pre-mRNA domain-containing protein 2'
2 non-polymer 'SULFATE ION'
3 non-polymer 'PRASEODYMIUM ION'
4 non-polymer 'UNKNOWN ATOM OR ION'
5 water water
#
_entity_poly.entity_id   1
_entity_poly.type   'polypeptide(L)'
_entity_poly.pdbx_seq_one_letter_code
;GSAGALESSLDRKFQSVTNTMESIQGLSSWCIENKKHHSTIVYHWMKWLRRSAYPHRLNLFYLANDVIQNCKRKNAIIFR
ESFADVLPEAAALVKDPSVSKSVERIFKIWEDRNVYPEEMIVALREALSTTFKTQKQLKENLNK
;
_entity_poly.pdbx_strand_id   A
#
# COMPACT_ATOMS: atom_id res chain seq x y z
N SER A 2 -0.90 -17.57 16.17
CA SER A 2 -0.20 -16.94 15.01
C SER A 2 -1.22 -16.17 14.22
N ALA A 3 -2.10 -16.89 13.52
CA ALA A 3 -3.13 -16.27 12.69
C ALA A 3 -3.92 -15.20 13.50
N GLY A 4 -4.33 -15.58 14.72
CA GLY A 4 -5.06 -14.68 15.63
C GLY A 4 -4.20 -13.55 16.18
N ALA A 5 -2.97 -13.86 16.58
CA ALA A 5 -2.07 -12.83 17.13
C ALA A 5 -1.72 -11.81 16.05
N LEU A 6 -1.44 -12.32 14.87
CA LEU A 6 -1.11 -11.49 13.77
C LEU A 6 -2.31 -10.62 13.34
N GLU A 7 -3.51 -11.20 13.28
CA GLU A 7 -4.73 -10.46 12.94
C GLU A 7 -4.91 -9.30 13.92
N SER A 8 -4.72 -9.58 15.22
CA SER A 8 -4.92 -8.54 16.26
C SER A 8 -3.94 -7.38 16.10
N SER A 9 -2.68 -7.70 15.81
CA SER A 9 -1.67 -6.64 15.56
C SER A 9 -1.97 -5.81 14.36
N LEU A 10 -2.37 -6.47 13.26
CA LEU A 10 -2.62 -5.79 12.00
C LEU A 10 -3.84 -4.91 12.09
N ASP A 11 -4.87 -5.37 12.80
CA ASP A 11 -6.06 -4.53 12.99
C ASP A 11 -5.73 -3.25 13.73
N ARG A 12 -4.98 -3.40 14.81
CA ARG A 12 -4.58 -2.30 15.65
C ARG A 12 -3.72 -1.33 14.82
N LYS A 13 -2.73 -1.86 14.10
CA LYS A 13 -1.80 -1.02 13.33
C LYS A 13 -2.43 -0.37 12.09
N PHE A 14 -3.27 -1.11 11.36
CA PHE A 14 -3.89 -0.53 10.19
C PHE A 14 -5.01 0.47 10.51
N GLN A 15 -5.68 0.33 11.65
CA GLN A 15 -6.68 1.28 12.10
C GLN A 15 -6.07 2.64 12.38
N SER A 16 -4.84 2.59 12.92
CA SER A 16 -4.22 3.72 13.55
C SER A 16 -3.18 4.46 12.71
N VAL A 17 -2.75 3.88 11.59
CA VAL A 17 -1.72 4.54 10.76
C VAL A 17 -2.17 5.95 10.42
N THR A 18 -1.24 6.90 10.51
CA THR A 18 -1.56 8.27 10.24
C THR A 18 -0.63 8.82 9.13
N ASN A 19 -0.59 10.13 8.99
CA ASN A 19 0.15 10.72 7.88
C ASN A 19 1.56 11.21 8.22
N THR A 20 2.07 10.80 9.39
CA THR A 20 3.39 11.31 9.86
C THR A 20 4.43 10.36 9.33
N MET A 21 5.64 10.88 9.06
CA MET A 21 6.76 10.03 8.67
C MET A 21 7.00 8.92 9.74
N GLU A 22 6.86 9.25 11.02
CA GLU A 22 7.15 8.29 12.09
C GLU A 22 6.14 7.14 12.12
N SER A 23 4.86 7.51 11.89
CA SER A 23 3.80 6.51 11.85
C SER A 23 4.03 5.56 10.71
N ILE A 24 4.27 6.11 9.53
CA ILE A 24 4.43 5.34 8.34
C ILE A 24 5.70 4.47 8.38
N GLN A 25 6.81 5.04 8.81
CA GLN A 25 8.03 4.31 8.76
CA GLN A 25 8.11 4.35 8.86
C GLN A 25 8.05 3.22 9.83
N GLY A 26 7.43 3.47 10.98
CA GLY A 26 7.36 2.50 12.07
C GLY A 26 6.60 1.28 11.59
N LEU A 27 5.49 1.50 10.90
CA LEU A 27 4.64 0.40 10.52
C LEU A 27 5.27 -0.31 9.33
N SER A 28 5.89 0.47 8.44
CA SER A 28 6.58 -0.11 7.30
C SER A 28 7.68 -1.07 7.77
N SER A 29 8.47 -0.62 8.72
CA SER A 29 9.51 -1.47 9.30
C SER A 29 8.97 -2.74 9.93
N TRP A 30 7.89 -2.62 10.68
CA TRP A 30 7.22 -3.80 11.26
C TRP A 30 6.82 -4.78 10.18
N CYS A 31 6.22 -4.26 9.12
CA CYS A 31 5.78 -5.12 8.01
C CYS A 31 6.97 -5.85 7.40
N ILE A 32 8.05 -5.10 7.15
CA ILE A 32 9.22 -5.70 6.55
C ILE A 32 9.89 -6.75 7.47
N GLU A 33 9.95 -6.48 8.77
CA GLU A 33 10.38 -7.48 9.78
C GLU A 33 9.56 -8.77 9.70
N ASN A 34 8.29 -8.62 9.37
CA ASN A 34 7.35 -9.72 9.31
C ASN A 34 7.06 -10.17 7.87
N LYS A 35 8.08 -10.05 7.04
CA LYS A 35 7.96 -10.49 5.64
C LYS A 35 7.46 -11.92 5.45
N LYS A 36 7.72 -12.84 6.41
CA LYS A 36 7.19 -14.21 6.35
C LYS A 36 5.69 -14.26 6.14
N HIS A 37 5.01 -13.24 6.68
CA HIS A 37 3.56 -13.16 6.67
C HIS A 37 3.05 -12.20 5.66
N HIS A 38 3.83 -11.96 4.61
CA HIS A 38 3.46 -10.98 3.57
CA HIS A 38 3.44 -10.95 3.61
C HIS A 38 2.04 -11.13 3.09
N SER A 39 1.61 -12.36 2.84
CA SER A 39 0.30 -12.53 2.23
CA SER A 39 0.28 -12.62 2.27
C SER A 39 -0.81 -12.12 3.23
N THR A 40 -0.67 -12.48 4.50
CA THR A 40 -1.61 -12.05 5.54
C THR A 40 -1.61 -10.54 5.74
N ILE A 41 -0.42 -9.95 5.68
CA ILE A 41 -0.30 -8.50 5.81
C ILE A 41 -1.07 -7.77 4.73
N VAL A 42 -0.86 -8.15 3.46
CA VAL A 42 -1.56 -7.53 2.37
C VAL A 42 -3.11 -7.76 2.40
N TYR A 43 -3.53 -8.97 2.82
CA TYR A 43 -4.92 -9.32 2.99
C TYR A 43 -5.58 -8.34 3.99
N HIS A 44 -4.96 -8.15 5.15
CA HIS A 44 -5.53 -7.22 6.14
C HIS A 44 -5.43 -5.75 5.74
N TRP A 45 -4.36 -5.39 5.03
CA TRP A 45 -4.22 -4.04 4.50
C TRP A 45 -5.42 -3.74 3.62
N MET A 46 -5.70 -4.65 2.69
CA MET A 46 -6.84 -4.47 1.76
C MET A 46 -8.22 -4.44 2.48
N LYS A 47 -8.39 -5.31 3.47
CA LYS A 47 -9.60 -5.32 4.28
C LYS A 47 -9.84 -3.89 4.87
N TRP A 48 -8.80 -3.36 5.44
CA TRP A 48 -8.84 -1.99 6.03
C TRP A 48 -9.04 -0.90 5.01
N LEU A 49 -8.43 -1.05 3.85
CA LEU A 49 -8.63 -0.09 2.77
C LEU A 49 -10.13 -0.07 2.38
N ARG A 50 -10.71 -1.25 2.15
CA ARG A 50 -12.15 -1.29 1.78
C ARG A 50 -13.05 -0.64 2.86
N ARG A 51 -12.79 -0.94 4.14
CA ARG A 51 -13.69 -0.42 5.15
CA ARG A 51 -13.59 -0.47 5.27
C ARG A 51 -13.49 1.04 5.54
N SER A 52 -12.42 1.66 5.06
CA SER A 52 -12.06 3.03 5.46
C SER A 52 -12.64 4.06 4.51
N ALA A 53 -12.75 5.29 5.02
CA ALA A 53 -13.09 6.46 4.22
C ALA A 53 -11.84 7.02 3.53
N TYR A 54 -12.01 8.03 2.67
CA TYR A 54 -10.93 8.43 1.80
C TYR A 54 -9.66 8.89 2.57
N PRO A 55 -9.84 9.68 3.64
CA PRO A 55 -8.59 10.17 4.27
C PRO A 55 -7.72 9.05 4.80
N HIS A 56 -8.34 8.08 5.45
CA HIS A 56 -7.57 6.97 5.99
C HIS A 56 -7.12 6.03 4.91
N ARG A 57 -7.87 5.92 3.81
CA ARG A 57 -7.35 5.18 2.65
C ARG A 57 -6.02 5.73 2.10
N LEU A 58 -5.94 7.05 2.04
CA LEU A 58 -4.70 7.71 1.63
C LEU A 58 -3.53 7.32 2.55
N ASN A 59 -3.73 7.33 3.88
CA ASN A 59 -2.66 6.96 4.82
C ASN A 59 -2.25 5.49 4.65
N LEU A 60 -3.21 4.63 4.34
CA LEU A 60 -2.87 3.29 4.04
C LEU A 60 -2.08 3.19 2.74
N PHE A 61 -2.36 4.02 1.75
CA PHE A 61 -1.56 4.05 0.51
C PHE A 61 -0.16 4.57 0.81
N TYR A 62 -0.03 5.52 1.73
CA TYR A 62 1.32 5.97 2.10
C TYR A 62 2.12 4.81 2.71
N LEU A 63 1.46 4.02 3.53
CA LEU A 63 2.13 2.87 4.14
CA LEU A 63 2.12 2.85 4.15
C LEU A 63 2.56 1.87 3.07
N ALA A 64 1.63 1.58 2.13
CA ALA A 64 1.92 0.68 1.04
C ALA A 64 3.11 1.17 0.23
N ASN A 65 3.14 2.47 -0.08
CA ASN A 65 4.23 3.03 -0.87
C ASN A 65 5.56 2.82 -0.10
N ASP A 66 5.55 3.08 1.18
CA ASP A 66 6.78 2.99 1.95
C ASP A 66 7.31 1.57 1.98
N VAL A 67 6.42 0.61 2.22
CA VAL A 67 6.78 -0.83 2.13
C VAL A 67 7.30 -1.21 0.74
N ILE A 68 6.52 -0.91 -0.28
CA ILE A 68 6.89 -1.23 -1.67
C ILE A 68 8.25 -0.63 -2.02
N GLN A 69 8.47 0.62 -1.64
CA GLN A 69 9.78 1.24 -1.95
C GLN A 69 10.93 0.58 -1.21
N ASN A 70 10.77 0.37 0.10
CA ASN A 70 11.91 -0.01 0.95
C ASN A 70 12.15 -1.52 1.06
N CYS A 71 11.17 -2.31 0.63
CA CYS A 71 11.28 -3.77 0.82
C CYS A 71 12.43 -4.37 0.00
N LYS A 72 12.83 -3.72 -1.07
CA LYS A 72 13.89 -4.23 -1.88
C LYS A 72 15.26 -4.17 -1.15
N ARG A 73 15.61 -3.01 -0.62
CA ARG A 73 16.87 -2.88 0.09
C ARG A 73 16.90 -3.70 1.38
N LYS A 74 15.74 -3.95 1.94
CA LYS A 74 15.55 -4.75 3.16
C LYS A 74 15.34 -6.24 2.91
N ASN A 75 15.70 -6.72 1.72
CA ASN A 75 15.65 -8.15 1.39
C ASN A 75 14.24 -8.71 1.57
N ALA A 76 13.23 -7.96 1.16
CA ALA A 76 11.84 -8.37 1.33
C ALA A 76 11.04 -8.02 0.07
N ILE A 77 11.66 -8.24 -1.10
CA ILE A 77 11.09 -7.77 -2.37
C ILE A 77 9.74 -8.49 -2.66
N ILE A 78 9.49 -9.63 -2.01
CA ILE A 78 8.18 -10.32 -2.12
C ILE A 78 6.99 -9.39 -1.93
N PHE A 79 7.12 -8.36 -1.09
CA PHE A 79 5.98 -7.41 -0.89
C PHE A 79 5.51 -6.72 -2.18
N ARG A 80 6.44 -6.46 -3.10
CA ARG A 80 6.04 -5.88 -4.41
C ARG A 80 5.06 -6.77 -5.17
N GLU A 81 5.39 -8.07 -5.27
CA GLU A 81 4.46 -9.03 -5.87
C GLU A 81 3.16 -9.16 -5.05
N SER A 82 3.28 -9.24 -3.73
CA SER A 82 2.08 -9.38 -2.88
C SER A 82 1.13 -8.21 -3.05
N PHE A 83 1.64 -6.97 -2.99
CA PHE A 83 0.77 -5.79 -3.19
C PHE A 83 0.18 -5.71 -4.60
N ALA A 84 0.85 -6.27 -5.60
CA ALA A 84 0.32 -6.25 -6.98
C ALA A 84 -1.03 -6.98 -7.07
N ASP A 85 -1.26 -7.98 -6.21
CA ASP A 85 -2.56 -8.67 -6.06
C ASP A 85 -3.73 -7.74 -5.75
N VAL A 86 -3.49 -6.65 -5.04
CA VAL A 86 -4.59 -5.79 -4.58
C VAL A 86 -4.60 -4.41 -5.24
N LEU A 87 -3.49 -4.02 -5.83
CA LEU A 87 -3.38 -2.62 -6.30
C LEU A 87 -4.43 -2.17 -7.31
N PRO A 88 -4.78 -3.02 -8.29
CA PRO A 88 -5.83 -2.60 -9.25
C PRO A 88 -7.16 -2.30 -8.54
N GLU A 89 -7.59 -3.17 -7.64
CA GLU A 89 -8.83 -2.91 -6.91
C GLU A 89 -8.70 -1.69 -6.03
N ALA A 90 -7.57 -1.61 -5.33
CA ALA A 90 -7.29 -0.53 -4.41
C ALA A 90 -7.26 0.85 -5.08
N ALA A 91 -6.70 0.92 -6.28
CA ALA A 91 -6.63 2.20 -7.02
C ALA A 91 -8.02 2.82 -7.25
N ALA A 92 -9.00 1.95 -7.50
CA ALA A 92 -10.34 2.39 -7.76
C ALA A 92 -11.06 2.92 -6.50
N LEU A 93 -10.57 2.60 -5.33
CA LEU A 93 -11.14 3.07 -4.08
C LEU A 93 -10.56 4.40 -3.63
N VAL A 94 -9.66 4.96 -4.44
CA VAL A 94 -9.02 6.28 -4.11
C VAL A 94 -9.12 7.22 -5.30
N LYS A 95 -10.20 7.09 -6.05
CA LYS A 95 -10.44 7.96 -7.21
C LYS A 95 -10.88 9.37 -6.84
N ASP A 96 -11.45 9.56 -5.65
CA ASP A 96 -11.99 10.85 -5.26
C ASP A 96 -10.88 11.91 -5.33
N PRO A 97 -11.20 13.08 -5.89
CA PRO A 97 -10.16 14.12 -6.04
C PRO A 97 -9.51 14.61 -4.74
N SER A 98 -10.16 14.37 -3.60
CA SER A 98 -9.55 14.71 -2.30
C SER A 98 -8.23 13.97 -2.06
N VAL A 99 -8.05 12.79 -2.67
CA VAL A 99 -6.87 11.98 -2.50
C VAL A 99 -6.17 11.45 -3.78
N SER A 100 -6.88 11.41 -4.92
CA SER A 100 -6.32 10.76 -6.14
C SER A 100 -5.02 11.40 -6.59
N LYS A 101 -4.78 12.67 -6.35
CA LYS A 101 -3.54 13.28 -6.86
C LYS A 101 -2.33 12.80 -6.10
N SER A 102 -2.53 12.52 -4.81
CA SER A 102 -1.45 11.98 -4.01
C SER A 102 -1.16 10.55 -4.40
N VAL A 103 -2.18 9.81 -4.79
CA VAL A 103 -1.98 8.42 -5.21
C VAL A 103 -1.38 8.41 -6.61
N GLU A 104 -1.84 9.29 -7.47
CA GLU A 104 -1.26 9.40 -8.81
C GLU A 104 0.27 9.69 -8.73
N ARG A 105 0.66 10.54 -7.79
CA ARG A 105 2.07 10.83 -7.55
CA ARG A 105 2.10 10.82 -7.53
C ARG A 105 2.87 9.57 -7.22
N ILE A 106 2.32 8.74 -6.33
CA ILE A 106 2.93 7.48 -5.91
C ILE A 106 3.10 6.61 -7.16
N PHE A 107 2.04 6.50 -7.95
CA PHE A 107 2.14 5.69 -9.18
C PHE A 107 3.23 6.22 -10.14
N LYS A 108 3.36 7.55 -10.28
CA LYS A 108 4.40 8.17 -11.13
C LYS A 108 5.82 7.87 -10.60
N ILE A 109 5.99 7.90 -9.27
CA ILE A 109 7.26 7.55 -8.68
C ILE A 109 7.63 6.10 -9.02
N TRP A 110 6.69 5.18 -8.83
CA TRP A 110 6.90 3.75 -9.22
C TRP A 110 7.24 3.57 -10.68
N GLU A 111 6.49 4.24 -11.55
CA GLU A 111 6.73 4.20 -12.99
CA GLU A 111 6.71 4.24 -13.00
C GLU A 111 8.13 4.65 -13.35
N ASP A 112 8.55 5.80 -12.86
CA ASP A 112 9.85 6.35 -13.21
C ASP A 112 11.03 5.44 -12.84
N ARG A 113 10.87 4.74 -11.73
CA ARG A 113 11.90 3.86 -11.20
C ARG A 113 11.76 2.40 -11.63
N ASN A 114 10.72 2.10 -12.41
CA ASN A 114 10.47 0.71 -12.85
C ASN A 114 10.20 -0.22 -11.66
N VAL A 115 9.56 0.30 -10.61
CA VAL A 115 9.21 -0.51 -9.44
C VAL A 115 8.19 -1.58 -9.89
N TYR A 116 7.30 -1.19 -10.78
CA TYR A 116 6.37 -2.09 -11.46
C TYR A 116 6.43 -1.77 -12.93
N PRO A 117 6.04 -2.74 -13.79
CA PRO A 117 6.15 -2.52 -15.21
C PRO A 117 5.08 -1.56 -15.73
N GLU A 118 5.40 -0.94 -16.84
CA GLU A 118 4.56 0.06 -17.49
C GLU A 118 3.08 -0.36 -17.58
N GLU A 119 2.84 -1.57 -18.06
CA GLU A 119 1.47 -1.99 -18.33
C GLU A 119 0.67 -2.11 -17.02
N MET A 120 1.33 -2.40 -15.92
CA MET A 120 0.67 -2.44 -14.63
C MET A 120 0.30 -1.02 -14.19
N ILE A 121 1.25 -0.09 -14.30
CA ILE A 121 1.00 1.32 -13.93
C ILE A 121 -0.13 1.92 -14.77
N VAL A 122 -0.14 1.65 -16.08
CA VAL A 122 -1.22 2.14 -16.95
C VAL A 122 -2.58 1.65 -16.41
N ALA A 123 -2.62 0.39 -16.02
CA ALA A 123 -3.88 -0.20 -15.53
C ALA A 123 -4.32 0.44 -14.21
N LEU A 124 -3.36 0.72 -13.33
CA LEU A 124 -3.61 1.45 -12.11
C LEU A 124 -4.06 2.90 -12.32
N ARG A 125 -3.46 3.63 -13.27
CA ARG A 125 -3.84 5.04 -13.49
C ARG A 125 -5.19 5.17 -14.14
N GLU A 126 -5.55 4.17 -14.92
CA GLU A 126 -6.87 4.15 -15.50
C GLU A 126 -7.95 3.93 -14.41
N ALA A 127 -7.65 3.05 -13.46
CA ALA A 127 -8.52 2.76 -12.31
C ALA A 127 -8.69 3.96 -11.42
N LEU A 128 -7.64 4.76 -11.32
CA LEU A 128 -7.66 6.01 -10.56
C LEU A 128 -8.41 7.14 -11.31
N SER A 129 -8.63 6.96 -12.61
CA SER A 129 -9.28 7.97 -13.49
C SER A 129 -8.40 9.22 -13.72
N THR A 130 -7.08 9.06 -13.55
CA THR A 130 -6.12 10.16 -13.82
C THR A 130 -5.51 10.01 -15.21
N THR A 131 -5.78 8.88 -15.85
CA THR A 131 -5.47 8.66 -17.25
C THR A 131 -6.72 8.01 -17.84
N PHE A 132 -7.14 8.41 -19.05
CA PHE A 132 -8.28 7.77 -19.72
C PHE A 132 -7.91 7.36 -21.14
#